data_2UYR
#
_entry.id   2UYR
#
_cell.length_a   55.090
_cell.length_b   63.927
_cell.length_c   101.690
_cell.angle_alpha   90.00
_cell.angle_beta   90.00
_cell.angle_gamma   90.00
#
_symmetry.space_group_name_H-M   'P 21 21 21'
#
loop_
_entity.id
_entity.type
_entity.pdbx_description
1 polymer 'SPHINGOMYELINASE C'
2 non-polymer 'MAGNESIUM ION'
3 water water
#
_entity_poly.entity_id   1
_entity_poly.type   'polypeptide(L)'
_entity_poly.pdbx_seq_one_letter_code
;EASTTQNDTLKVMTHNVYMLSTNLYPNWGQTERADLIGAADYIKNQDVVILNEVFDASASDRLLGNLKKEYPNQTAVLGR
SSGSEWDKTLGNYSSSTPEDGGVAIVSKWPIAEKIQYVFAKGCGPDNLSNKGFVYTKIKKNDRFVHVIGTHLQAEDSMCG
KTSPASVRTNQLKEIQDFIKNKNIPNNEYVLIGGDMNVNKINAENNNDSEYASMFKTLNASVPSYTGHTATWDATTNSIA
KYNFPDSPAEYLDYIIASKDHANPSYIENKVLQPKSPQWTVTSWFQKYTYNDYSDHYPVEATISMK
;
_entity_poly.pdbx_strand_id   X
#
loop_
_chem_comp.id
_chem_comp.type
_chem_comp.name
_chem_comp.formula
MG non-polymer 'MAGNESIUM ION' 'Mg 2'
#
# COMPACT_ATOMS: atom_id res chain seq x y z
N ASN A 7 -21.70 7.56 -11.79
CA ASN A 7 -21.12 8.96 -11.75
C ASN A 7 -19.80 9.16 -12.54
N ASP A 8 -19.19 8.03 -12.96
CA ASP A 8 -17.91 8.06 -13.65
C ASP A 8 -16.78 8.49 -12.67
N THR A 9 -16.99 8.20 -11.38
CA THR A 9 -16.03 8.48 -10.30
C THR A 9 -15.60 7.17 -9.63
N LEU A 10 -14.29 6.94 -9.53
CA LEU A 10 -13.69 5.85 -8.75
C LEU A 10 -12.97 6.44 -7.53
N LYS A 11 -13.27 5.91 -6.34
CA LYS A 11 -12.64 6.33 -5.09
C LYS A 11 -11.76 5.15 -4.64
N VAL A 12 -10.45 5.32 -4.73
CA VAL A 12 -9.52 4.27 -4.28
C VAL A 12 -8.70 4.82 -3.10
N MET A 13 -8.56 4.05 -2.04
CA MET A 13 -7.75 4.47 -0.93
C MET A 13 -6.60 3.52 -0.71
N THR A 14 -5.47 4.05 -0.25
CA THR A 14 -4.37 3.22 0.18
C THR A 14 -3.94 3.65 1.59
N HIS A 15 -3.67 2.64 2.42
CA HIS A 15 -3.19 2.93 3.74
C HIS A 15 -2.17 1.90 4.21
N ASN A 16 -0.93 2.33 4.49
CA ASN A 16 -0.01 1.47 5.24
C ASN A 16 -0.41 1.48 6.74
N VAL A 17 -0.86 0.33 7.26
CA VAL A 17 -1.50 0.27 8.58
C VAL A 17 -0.63 -0.21 9.75
N TYR A 18 0.66 -0.48 9.49
CA TYR A 18 1.65 -0.76 10.56
C TYR A 18 1.16 -1.88 11.47
N MET A 19 0.82 -2.99 10.85
CA MET A 19 0.44 -4.16 11.62
C MET A 19 1.50 -5.23 11.64
N LEU A 20 2.59 -4.89 12.30
CA LEU A 20 3.74 -5.76 12.48
C LEU A 20 3.36 -7.02 13.21
N SER A 21 4.03 -8.12 12.90
CA SER A 21 3.79 -9.40 13.60
C SER A 21 3.93 -9.28 15.13
N THR A 22 2.98 -9.81 15.89
CA THR A 22 3.02 -9.64 17.36
C THR A 22 4.07 -10.50 18.05
N ASN A 23 4.67 -11.44 17.31
CA ASN A 23 5.77 -12.25 17.82
C ASN A 23 7.08 -11.53 17.81
N LEU A 24 7.21 -10.49 16.99
CA LEU A 24 8.44 -9.67 16.95
C LEU A 24 8.22 -8.33 17.59
N TYR A 25 7.05 -7.75 17.38
CA TYR A 25 6.75 -6.43 17.91
C TYR A 25 5.41 -6.47 18.66
N PRO A 26 5.43 -7.05 19.90
CA PRO A 26 4.22 -7.32 20.69
C PRO A 26 3.44 -6.12 21.26
N ASN A 27 4.10 -4.97 21.43
CA ASN A 27 3.47 -3.83 22.11
C ASN A 27 2.98 -2.72 21.18
N TRP A 28 2.36 -3.04 20.07
CA TRP A 28 1.98 -1.95 19.18
C TRP A 28 0.49 -1.79 18.90
N GLY A 29 -0.34 -2.41 19.76
CA GLY A 29 -1.75 -2.17 19.78
C GLY A 29 -2.45 -2.76 18.58
N GLN A 30 -1.87 -3.81 18.01
CA GLN A 30 -2.29 -4.38 16.73
C GLN A 30 -3.77 -4.76 16.78
N THR A 31 -4.13 -5.63 17.73
CA THR A 31 -5.51 -6.12 17.97
C THR A 31 -6.52 -5.00 18.19
N GLU A 32 -6.12 -4.00 18.97
CA GLU A 32 -6.94 -2.82 19.21
C GLU A 32 -7.05 -1.92 17.99
N ARG A 33 -5.94 -1.64 17.33
CA ARG A 33 -5.98 -0.85 16.08
C ARG A 33 -6.79 -1.47 14.93
N ALA A 34 -6.82 -2.80 14.86
CA ALA A 34 -7.75 -3.51 13.91
C ALA A 34 -9.22 -3.12 14.10
N ASP A 35 -9.67 -3.06 15.36
CA ASP A 35 -11.01 -2.61 15.74
C ASP A 35 -11.18 -1.13 15.48
N LEU A 36 -10.23 -0.31 15.89
CA LEU A 36 -10.35 1.14 15.62
C LEU A 36 -10.43 1.44 14.12
N ILE A 37 -9.49 0.90 13.33
CA ILE A 37 -9.52 1.10 11.86
C ILE A 37 -10.86 0.64 11.25
N GLY A 38 -11.34 -0.57 11.64
CA GLY A 38 -12.60 -1.14 11.08
C GLY A 38 -13.82 -0.26 11.27
N ALA A 39 -13.87 0.37 12.44
CA ALA A 39 -14.91 1.32 12.82
C ALA A 39 -14.60 2.76 12.42
N ALA A 40 -13.47 3.04 11.80
CA ALA A 40 -13.15 4.46 11.52
C ALA A 40 -13.92 5.07 10.35
N ASP A 41 -14.07 6.40 10.35
CA ASP A 41 -14.80 7.13 9.32
C ASP A 41 -14.03 7.30 8.01
N TYR A 42 -12.72 7.43 8.10
CA TYR A 42 -11.94 7.82 6.95
C TYR A 42 -11.93 6.73 5.89
N ILE A 43 -12.08 5.47 6.31
CA ILE A 43 -11.91 4.31 5.44
C ILE A 43 -13.26 3.86 4.80
N LYS A 44 -14.34 4.54 5.18
CA LYS A 44 -15.67 4.38 4.64
C LYS A 44 -15.78 5.13 3.31
N ASN A 45 -16.80 4.75 2.54
CA ASN A 45 -17.22 5.41 1.31
C ASN A 45 -16.21 5.32 0.17
N GLN A 46 -15.42 4.25 0.13
CA GLN A 46 -14.45 4.04 -0.97
C GLN A 46 -14.99 2.93 -1.87
N ASP A 47 -14.44 2.82 -3.08
CA ASP A 47 -14.74 1.68 -3.93
C ASP A 47 -13.77 0.55 -3.66
N VAL A 48 -12.49 0.91 -3.44
CA VAL A 48 -11.43 -0.04 -3.30
C VAL A 48 -10.47 0.54 -2.27
N VAL A 49 -9.98 -0.34 -1.38
CA VAL A 49 -8.97 0.02 -0.39
C VAL A 49 -7.78 -0.91 -0.55
N ILE A 50 -6.58 -0.35 -0.68
CA ILE A 50 -5.35 -1.10 -0.71
C ILE A 50 -4.72 -1.03 0.68
N LEU A 51 -4.29 -2.16 1.23
CA LEU A 51 -3.68 -2.19 2.56
C LEU A 51 -2.24 -2.63 2.46
N ASN A 52 -1.36 -2.00 3.20
CA ASN A 52 0.03 -2.45 3.26
C ASN A 52 0.25 -2.73 4.70
N GLU A 53 1.25 -3.58 4.94
CA GLU A 53 1.73 -3.93 6.26
C GLU A 53 0.71 -4.64 7.13
N VAL A 54 -0.16 -5.42 6.52
CA VAL A 54 -1.04 -6.31 7.31
C VAL A 54 -0.29 -7.64 7.54
N PHE A 55 0.80 -7.58 8.31
CA PHE A 55 1.70 -8.70 8.53
C PHE A 55 1.20 -9.69 9.58
N ASP A 56 0.64 -9.19 10.68
CA ASP A 56 0.23 -10.03 11.76
C ASP A 56 -0.97 -10.87 11.41
N ALA A 57 -0.80 -12.18 11.46
CA ALA A 57 -1.88 -13.17 11.21
C ALA A 57 -3.21 -12.83 11.83
N SER A 58 -3.29 -12.78 13.15
CA SER A 58 -4.54 -12.48 13.89
C SER A 58 -5.05 -11.08 13.70
N ALA A 59 -4.19 -10.09 13.80
CA ALA A 59 -4.69 -8.72 13.69
C ALA A 59 -5.21 -8.49 12.27
N SER A 60 -4.49 -9.01 11.28
CA SER A 60 -4.94 -8.83 9.91
C SER A 60 -6.26 -9.53 9.60
N ASP A 61 -6.45 -10.77 10.11
CA ASP A 61 -7.74 -11.49 9.90
C ASP A 61 -8.84 -10.69 10.55
N ARG A 62 -8.55 -10.13 11.72
CA ARG A 62 -9.57 -9.37 12.44
C ARG A 62 -9.92 -8.05 11.72
N LEU A 63 -8.91 -7.35 11.21
CA LEU A 63 -9.15 -6.15 10.44
C LEU A 63 -9.92 -6.43 9.15
N LEU A 64 -9.48 -7.45 8.39
CA LEU A 64 -10.17 -7.84 7.15
C LEU A 64 -11.62 -8.28 7.47
N GLY A 65 -11.80 -9.03 8.55
CA GLY A 65 -13.13 -9.33 9.09
C GLY A 65 -13.99 -8.11 9.44
N ASN A 66 -13.43 -7.08 10.11
CA ASN A 66 -14.23 -5.85 10.37
C ASN A 66 -14.59 -5.11 9.08
N LEU A 67 -13.70 -5.14 8.08
CA LEU A 67 -13.98 -4.47 6.79
C LEU A 67 -14.95 -5.24 5.88
N LYS A 68 -15.31 -6.50 6.22
CA LYS A 68 -16.27 -7.33 5.46
C LYS A 68 -17.65 -6.64 5.23
N LYS A 69 -18.09 -5.82 6.17
CA LYS A 69 -19.41 -5.25 6.11
C LYS A 69 -19.53 -4.22 4.99
N GLU A 70 -18.53 -3.36 4.84
CA GLU A 70 -18.54 -2.39 3.77
C GLU A 70 -17.79 -2.90 2.54
N TYR A 71 -16.80 -3.77 2.72
CA TYR A 71 -15.93 -4.23 1.61
C TYR A 71 -15.86 -5.75 1.57
N PRO A 72 -16.98 -6.39 1.19
CA PRO A 72 -17.06 -7.86 1.30
C PRO A 72 -16.23 -8.64 0.29
N ASN A 73 -15.85 -7.99 -0.81
CA ASN A 73 -15.01 -8.63 -1.81
C ASN A 73 -13.54 -8.38 -1.49
N GLN A 74 -12.84 -9.45 -1.11
CA GLN A 74 -11.49 -9.31 -0.58
C GLN A 74 -10.48 -10.32 -1.16
N THR A 75 -9.23 -9.90 -1.30
CA THR A 75 -8.17 -10.86 -1.53
C THR A 75 -7.68 -11.42 -0.19
N ALA A 76 -6.91 -12.50 -0.31
CA ALA A 76 -5.97 -12.94 0.71
C ALA A 76 -4.82 -11.93 0.85
N VAL A 77 -4.02 -12.08 1.90
CA VAL A 77 -2.81 -11.27 2.09
C VAL A 77 -1.69 -11.85 1.21
N LEU A 78 -1.09 -11.01 0.38
CA LEU A 78 0.10 -11.33 -0.38
C LEU A 78 1.10 -12.24 0.37
N GLY A 79 1.40 -13.40 -0.20
CA GLY A 79 2.58 -14.15 0.17
C GLY A 79 2.36 -15.01 1.39
N ARG A 80 1.11 -15.18 1.79
CA ARG A 80 0.78 -15.94 2.99
C ARG A 80 0.45 -17.39 2.60
N SER A 81 -0.01 -17.57 1.35
CA SER A 81 -0.32 -18.90 0.80
C SER A 81 -0.28 -18.90 -0.72
N SER A 82 -0.31 -20.09 -1.33
CA SER A 82 -0.37 -20.21 -2.80
C SER A 82 -1.53 -21.08 -3.30
N GLY A 83 -2.57 -21.21 -2.48
CA GLY A 83 -3.75 -22.02 -2.80
C GLY A 83 -4.73 -21.38 -3.75
N SER A 84 -5.95 -21.90 -3.75
CA SER A 84 -6.96 -21.49 -4.74
C SER A 84 -7.67 -20.18 -4.38
N GLU A 85 -7.33 -19.60 -3.22
CA GLU A 85 -7.69 -18.20 -2.93
C GLU A 85 -7.09 -17.21 -3.96
N TRP A 86 -6.08 -17.64 -4.71
CA TRP A 86 -5.43 -16.91 -5.81
C TRP A 86 -5.68 -17.63 -7.13
N ASP A 87 -6.11 -16.92 -8.16
CA ASP A 87 -6.25 -17.53 -9.49
C ASP A 87 -4.90 -17.89 -10.05
N LYS A 88 -3.87 -17.13 -9.67
CA LYS A 88 -2.49 -17.41 -10.05
C LYS A 88 -1.51 -16.79 -9.04
N THR A 89 -0.37 -17.45 -8.90
CA THR A 89 0.75 -17.01 -8.06
C THR A 89 1.93 -16.98 -9.00
N LEU A 90 2.55 -15.81 -9.17
CA LEU A 90 3.70 -15.63 -10.05
C LEU A 90 4.94 -15.10 -9.31
N GLY A 91 6.09 -15.18 -9.98
CA GLY A 91 7.32 -14.72 -9.44
C GLY A 91 7.93 -15.64 -8.40
N ASN A 92 8.83 -15.05 -7.65
CA ASN A 92 9.72 -15.73 -6.74
C ASN A 92 9.08 -16.08 -5.39
N TYR A 93 7.92 -16.72 -5.44
CA TYR A 93 7.21 -17.09 -4.25
C TYR A 93 7.93 -18.24 -3.53
N SER A 94 7.99 -18.15 -2.20
CA SER A 94 8.68 -19.16 -1.39
C SER A 94 7.97 -19.43 -0.06
N SER A 95 7.73 -20.71 0.23
CA SER A 95 6.94 -21.08 1.43
C SER A 95 7.75 -21.03 2.74
N SER A 96 9.07 -20.83 2.62
CA SER A 96 9.96 -20.93 3.76
C SER A 96 10.42 -19.58 4.31
N THR A 97 10.34 -18.50 3.51
CA THR A 97 10.70 -17.17 4.02
C THR A 97 9.68 -16.70 5.06
N PRO A 98 10.17 -16.36 6.27
CA PRO A 98 9.39 -16.24 7.53
C PRO A 98 8.09 -15.38 7.50
N GLU A 99 8.13 -14.29 6.72
CA GLU A 99 7.05 -13.30 6.72
C GLU A 99 6.26 -13.23 5.38
N ASP A 100 5.03 -12.75 5.40
CA ASP A 100 4.31 -12.57 4.15
C ASP A 100 4.59 -11.15 3.61
N GLY A 101 3.91 -10.79 2.53
CA GLY A 101 4.12 -9.50 1.89
C GLY A 101 3.36 -8.31 2.42
N GLY A 102 2.37 -8.57 3.28
CA GLY A 102 1.59 -7.53 3.94
C GLY A 102 0.55 -6.77 3.14
N VAL A 103 0.34 -7.14 1.87
CA VAL A 103 -0.56 -6.37 0.98
C VAL A 103 -1.88 -7.15 0.79
N ALA A 104 -3.02 -6.46 0.99
CA ALA A 104 -4.35 -7.04 0.69
C ALA A 104 -5.21 -6.00 -0.03
N ILE A 105 -6.17 -6.41 -0.86
CA ILE A 105 -7.08 -5.41 -1.49
C ILE A 105 -8.51 -5.81 -1.15
N VAL A 106 -9.30 -4.84 -0.71
CA VAL A 106 -10.71 -5.08 -0.45
C VAL A 106 -11.56 -4.12 -1.30
N SER A 107 -12.77 -4.54 -1.63
CA SER A 107 -13.59 -3.84 -2.62
C SER A 107 -15.05 -3.93 -2.30
N LYS A 108 -15.81 -2.90 -2.59
CA LYS A 108 -17.27 -3.11 -2.58
C LYS A 108 -17.85 -3.78 -3.86
N TRP A 109 -17.02 -3.89 -4.89
CA TRP A 109 -17.44 -4.42 -6.17
C TRP A 109 -16.85 -5.80 -6.37
N PRO A 110 -17.49 -6.65 -7.17
CA PRO A 110 -16.95 -8.01 -7.32
C PRO A 110 -15.55 -8.02 -7.93
N ILE A 111 -14.73 -8.96 -7.46
CA ILE A 111 -13.41 -9.15 -8.01
C ILE A 111 -13.41 -10.31 -9.01
N ALA A 112 -13.26 -9.98 -10.28
CA ALA A 112 -13.26 -11.02 -11.34
C ALA A 112 -11.99 -11.92 -11.35
N GLU A 113 -10.87 -11.42 -10.84
CA GLU A 113 -9.54 -12.02 -11.00
C GLU A 113 -8.61 -11.49 -9.90
N LYS A 114 -7.86 -12.41 -9.29
CA LYS A 114 -6.96 -12.15 -8.17
C LYS A 114 -5.63 -12.84 -8.48
N ILE A 115 -4.59 -12.06 -8.75
CA ILE A 115 -3.24 -12.58 -8.96
C ILE A 115 -2.29 -12.01 -7.90
N GLN A 116 -1.47 -12.86 -7.31
CA GLN A 116 -0.27 -12.40 -6.59
C GLN A 116 1.03 -12.67 -7.35
N TYR A 117 1.93 -11.69 -7.21
CA TYR A 117 3.24 -11.70 -7.78
C TYR A 117 4.24 -11.37 -6.66
N VAL A 118 5.27 -12.20 -6.49
CA VAL A 118 6.35 -11.93 -5.52
C VAL A 118 7.61 -11.44 -6.23
N PHE A 119 8.13 -10.28 -5.82
CA PHE A 119 9.30 -9.69 -6.45
C PHE A 119 10.54 -10.61 -6.44
N ALA A 120 11.39 -10.46 -7.46
CA ALA A 120 12.63 -11.25 -7.54
C ALA A 120 13.66 -10.80 -6.53
N LYS A 121 13.96 -9.50 -6.53
CA LYS A 121 15.07 -8.94 -5.72
C LYS A 121 14.59 -8.21 -4.46
N GLY A 122 15.32 -8.42 -3.36
CA GLY A 122 15.13 -7.68 -2.09
C GLY A 122 16.48 -7.41 -1.42
N CYS A 123 16.46 -6.81 -0.25
CA CYS A 123 17.58 -6.09 0.34
C CYS A 123 17.36 -6.21 1.83
N GLY A 124 18.42 -6.28 2.65
CA GLY A 124 18.26 -6.11 4.11
C GLY A 124 17.15 -6.99 4.71
N PRO A 125 16.39 -6.47 5.71
CA PRO A 125 15.31 -7.26 6.31
C PRO A 125 14.15 -7.56 5.35
N ASP A 126 13.91 -6.68 4.36
CA ASP A 126 12.86 -6.92 3.33
C ASP A 126 13.09 -8.24 2.56
N ASN A 127 14.37 -8.65 2.45
CA ASN A 127 14.75 -9.92 1.80
C ASN A 127 14.20 -11.19 2.49
N LEU A 128 13.67 -11.03 3.70
CA LEU A 128 13.04 -12.12 4.45
C LEU A 128 11.50 -12.09 4.33
N SER A 129 10.97 -11.43 3.29
CA SER A 129 9.57 -11.02 3.33
C SER A 129 8.51 -11.65 2.41
N ASN A 130 8.74 -11.75 1.11
CA ASN A 130 7.63 -12.12 0.18
C ASN A 130 6.86 -10.89 -0.35
N LYS A 131 7.59 -9.77 -0.46
CA LYS A 131 7.08 -8.53 -1.01
C LYS A 131 6.74 -8.67 -2.50
N GLY A 132 5.78 -7.88 -2.96
CA GLY A 132 5.25 -8.01 -4.30
C GLY A 132 4.09 -7.07 -4.58
N PHE A 133 3.19 -7.55 -5.43
CA PHE A 133 1.95 -6.86 -5.63
C PHE A 133 0.82 -7.84 -5.74
N VAL A 134 -0.36 -7.29 -5.46
CA VAL A 134 -1.64 -7.94 -5.69
C VAL A 134 -2.31 -7.25 -6.88
N TYR A 135 -2.64 -8.06 -7.89
CA TYR A 135 -3.41 -7.56 -9.04
C TYR A 135 -4.84 -7.97 -8.87
N THR A 136 -5.74 -7.02 -9.02
CA THR A 136 -7.17 -7.33 -9.09
C THR A 136 -7.80 -6.67 -10.31
N LYS A 137 -8.77 -7.38 -10.89
CA LYS A 137 -9.61 -6.86 -11.94
C LYS A 137 -11.01 -6.69 -11.33
N ILE A 138 -11.50 -5.47 -11.28
CA ILE A 138 -12.73 -5.22 -10.54
C ILE A 138 -13.84 -4.79 -11.51
N LYS A 139 -15.02 -5.32 -11.26
CA LYS A 139 -16.20 -5.12 -12.10
C LYS A 139 -17.09 -4.11 -11.42
N LYS A 140 -17.07 -2.88 -11.91
CA LYS A 140 -17.88 -1.82 -11.35
C LYS A 140 -18.88 -1.31 -12.39
N ASN A 141 -20.10 -1.85 -12.36
CA ASN A 141 -21.19 -1.50 -13.28
C ASN A 141 -20.82 -1.70 -14.77
N ASP A 142 -20.57 -2.92 -15.18
CA ASP A 142 -20.26 -3.17 -16.63
C ASP A 142 -18.90 -2.61 -17.12
N ARG A 143 -18.23 -1.82 -16.28
CA ARG A 143 -16.85 -1.41 -16.53
C ARG A 143 -15.87 -2.26 -15.70
N PHE A 144 -14.77 -2.68 -16.32
CA PHE A 144 -13.67 -3.35 -15.61
C PHE A 144 -12.54 -2.35 -15.32
N VAL A 145 -12.16 -2.27 -14.05
CA VAL A 145 -11.01 -1.48 -13.67
C VAL A 145 -9.94 -2.42 -13.10
N HIS A 146 -8.68 -2.09 -13.32
CA HIS A 146 -7.60 -2.92 -12.80
C HIS A 146 -6.78 -2.16 -11.74
N VAL A 147 -6.59 -2.79 -10.58
CA VAL A 147 -5.91 -2.17 -9.45
C VAL A 147 -4.78 -3.10 -9.01
N ILE A 148 -3.55 -2.55 -9.05
CA ILE A 148 -2.34 -3.21 -8.53
C ILE A 148 -2.03 -2.54 -7.17
N GLY A 149 -1.93 -3.33 -6.12
CA GLY A 149 -1.56 -2.79 -4.81
C GLY A 149 -0.22 -3.33 -4.43
N THR A 150 0.69 -2.45 -4.05
CA THR A 150 2.03 -2.88 -3.74
C THR A 150 2.66 -2.17 -2.53
N HIS A 151 3.89 -2.56 -2.20
CA HIS A 151 4.70 -1.93 -1.15
C HIS A 151 6.14 -2.27 -1.53
N LEU A 152 6.90 -1.28 -1.94
CA LEU A 152 8.27 -1.55 -2.41
C LEU A 152 9.35 -1.63 -1.32
N GLN A 153 10.53 -2.06 -1.73
CA GLN A 153 11.72 -2.10 -0.87
C GLN A 153 11.89 -0.80 -0.08
N ALA A 154 12.11 -0.92 1.24
CA ALA A 154 12.32 0.25 2.07
C ALA A 154 13.79 0.74 2.02
N GLU A 155 14.03 2.03 2.24
CA GLU A 155 15.36 2.54 2.58
C GLU A 155 15.85 1.78 3.80
N ASP A 156 16.85 0.94 3.65
CA ASP A 156 17.40 0.22 4.77
C ASP A 156 18.91 0.35 4.78
N SER A 157 19.48 0.62 5.95
CA SER A 157 20.97 0.60 6.14
C SER A 157 21.68 -0.72 5.91
N MET A 158 21.00 -1.83 6.21
CA MET A 158 21.57 -3.15 6.08
C MET A 158 21.49 -3.74 4.65
N CYS A 159 21.29 -2.87 3.65
CA CYS A 159 21.14 -3.36 2.26
C CYS A 159 22.48 -3.72 1.65
N GLY A 160 23.53 -2.98 2.02
CA GLY A 160 24.91 -3.26 1.60
C GLY A 160 25.26 -2.50 0.34
N LYS A 161 26.02 -3.15 -0.55
CA LYS A 161 26.38 -2.58 -1.86
C LYS A 161 25.17 -2.38 -2.81
N THR A 162 24.10 -3.16 -2.56
CA THR A 162 22.81 -3.06 -3.23
C THR A 162 22.08 -1.82 -2.72
N SER A 163 22.04 -0.76 -3.50
CA SER A 163 21.30 0.40 -3.06
C SER A 163 19.79 0.17 -3.16
N PRO A 164 19.06 0.58 -2.11
CA PRO A 164 17.61 0.35 -2.15
C PRO A 164 16.92 0.95 -3.39
N ALA A 165 17.38 2.10 -3.89
CA ALA A 165 16.77 2.72 -5.06
C ALA A 165 16.85 1.77 -6.24
N SER A 166 18.00 1.13 -6.41
CA SER A 166 18.18 0.21 -7.49
C SER A 166 17.26 -1.02 -7.37
N VAL A 167 16.89 -1.43 -6.17
CA VAL A 167 16.01 -2.59 -6.00
C VAL A 167 14.59 -2.15 -6.36
N ARG A 168 14.21 -0.94 -5.95
CA ARG A 168 12.90 -0.38 -6.28
C ARG A 168 12.70 -0.21 -7.77
N THR A 169 13.69 0.34 -8.47
CA THR A 169 13.68 0.37 -9.94
C THR A 169 13.42 -1.00 -10.55
N ASN A 170 14.09 -2.03 -10.07
CA ASN A 170 13.80 -3.38 -10.49
C ASN A 170 12.38 -3.90 -10.30
N GLN A 171 11.84 -3.71 -9.10
CA GLN A 171 10.49 -4.04 -8.69
C GLN A 171 9.44 -3.31 -9.56
N LEU A 172 9.65 -2.03 -9.82
CA LEU A 172 8.77 -1.24 -10.69
C LEU A 172 8.73 -1.77 -12.15
N LYS A 173 9.89 -2.15 -12.69
CA LYS A 173 10.00 -2.88 -13.96
C LYS A 173 9.25 -4.18 -13.93
N GLU A 174 9.31 -4.91 -12.82
CA GLU A 174 8.48 -6.09 -12.72
C GLU A 174 6.97 -5.81 -12.79
N ILE A 175 6.54 -4.67 -12.27
CA ILE A 175 5.14 -4.35 -12.27
C ILE A 175 4.75 -4.02 -13.72
N GLN A 176 5.56 -3.18 -14.35
CA GLN A 176 5.33 -2.71 -15.69
C GLN A 176 5.33 -3.90 -16.67
N ASP A 177 6.32 -4.79 -16.61
CA ASP A 177 6.29 -5.98 -17.46
C ASP A 177 5.05 -6.85 -17.27
N PHE A 178 4.58 -6.93 -16.05
CA PHE A 178 3.38 -7.72 -15.82
C PHE A 178 2.19 -7.05 -16.50
N ILE A 179 2.16 -5.71 -16.48
CA ILE A 179 1.05 -4.94 -17.04
C ILE A 179 1.08 -5.04 -18.59
N LYS A 180 2.28 -4.92 -19.15
CA LYS A 180 2.53 -4.98 -20.58
C LYS A 180 2.12 -6.34 -21.16
N ASN A 181 2.53 -7.41 -20.49
CA ASN A 181 2.25 -8.75 -20.93
C ASN A 181 0.90 -9.30 -20.47
N LYS A 182 0.12 -8.45 -19.77
CA LYS A 182 -1.24 -8.80 -19.36
C LYS A 182 -2.25 -8.43 -20.47
N ASN A 183 -1.82 -7.55 -21.37
CA ASN A 183 -2.59 -7.29 -22.56
C ASN A 183 -3.99 -6.81 -22.17
N ILE A 184 -4.01 -5.67 -21.47
CA ILE A 184 -5.23 -5.05 -20.96
C ILE A 184 -5.62 -4.01 -22.00
N PRO A 185 -6.91 -3.98 -22.38
CA PRO A 185 -7.40 -3.03 -23.37
C PRO A 185 -7.18 -1.58 -22.96
N ASN A 186 -6.77 -0.77 -23.91
CA ASN A 186 -6.37 0.59 -23.58
C ASN A 186 -7.53 1.52 -23.28
N ASN A 187 -8.73 0.95 -23.18
CA ASN A 187 -9.92 1.70 -22.81
C ASN A 187 -10.37 1.42 -21.36
N GLU A 188 -9.56 0.63 -20.66
CA GLU A 188 -9.82 0.31 -19.26
C GLU A 188 -8.75 0.97 -18.39
N TYR A 189 -9.13 1.31 -17.16
CA TYR A 189 -8.25 1.99 -16.24
C TYR A 189 -7.38 1.02 -15.52
N VAL A 190 -6.09 1.32 -15.48
CA VAL A 190 -5.08 0.54 -14.76
C VAL A 190 -4.48 1.44 -13.66
N LEU A 191 -4.70 1.08 -12.41
CA LEU A 191 -4.21 1.91 -11.30
C LEU A 191 -3.20 1.15 -10.48
N ILE A 192 -2.17 1.86 -10.05
CA ILE A 192 -1.12 1.23 -9.26
C ILE A 192 -1.07 1.99 -7.94
N GLY A 193 -1.28 1.30 -6.84
CA GLY A 193 -1.24 2.03 -5.56
C GLY A 193 -0.43 1.36 -4.49
N GLY A 194 0.05 2.15 -3.53
CA GLY A 194 0.69 1.64 -2.31
C GLY A 194 1.81 2.53 -1.81
N ASP A 195 2.56 1.99 -0.87
CA ASP A 195 3.71 2.67 -0.27
C ASP A 195 4.89 2.31 -1.17
N MET A 196 5.34 3.28 -1.95
CA MET A 196 6.32 3.05 -3.03
C MET A 196 7.74 3.31 -2.50
N ASN A 197 7.81 3.89 -1.32
CA ASN A 197 9.07 4.18 -0.67
C ASN A 197 9.94 5.08 -1.52
N VAL A 198 9.28 6.00 -2.23
CA VAL A 198 9.95 6.90 -3.12
C VAL A 198 9.45 8.24 -2.67
N ASN A 199 10.38 9.11 -2.31
CA ASN A 199 10.04 10.36 -1.62
C ASN A 199 9.85 11.52 -2.60
N LYS A 200 8.62 12.05 -2.63
CA LYS A 200 8.31 13.21 -3.42
C LYS A 200 8.98 14.51 -2.93
N ILE A 201 9.18 14.63 -1.62
CA ILE A 201 9.60 15.90 -1.01
C ILE A 201 11.04 16.32 -1.41
N ASN A 202 11.17 17.57 -1.87
CA ASN A 202 12.42 18.11 -2.44
C ASN A 202 12.87 17.49 -3.80
N ALA A 203 11.98 16.73 -4.43
CA ALA A 203 12.34 15.93 -5.59
C ALA A 203 11.45 16.24 -6.79
N GLU A 204 10.36 16.97 -6.53
CA GLU A 204 9.32 17.22 -7.53
C GLU A 204 9.76 18.23 -8.60
N ASN A 205 11.03 18.65 -8.52
CA ASN A 205 11.58 19.67 -9.42
C ASN A 205 12.93 19.26 -10.04
N ASN A 206 13.32 18.00 -9.80
CA ASN A 206 14.49 17.40 -10.43
C ASN A 206 14.00 16.29 -11.37
N ASN A 207 14.37 16.41 -12.66
CA ASN A 207 13.98 15.40 -13.66
C ASN A 207 14.74 14.08 -13.59
N ASP A 208 15.80 14.05 -12.80
CA ASP A 208 16.56 12.85 -12.64
C ASP A 208 16.45 12.24 -11.22
N SER A 209 15.51 12.74 -10.43
CA SER A 209 15.22 12.19 -9.10
C SER A 209 14.60 10.78 -9.20
N GLU A 210 14.69 10.03 -8.12
CA GLU A 210 14.02 8.74 -8.06
C GLU A 210 12.51 8.91 -8.29
N TYR A 211 11.95 9.98 -7.73
CA TYR A 211 10.55 10.36 -7.92
C TYR A 211 10.15 10.50 -9.42
N ALA A 212 10.91 11.31 -10.17
CA ALA A 212 10.70 11.47 -11.62
C ALA A 212 10.86 10.19 -12.37
N SER A 213 11.79 9.34 -11.96
CA SER A 213 11.99 8.05 -12.64
C SER A 213 10.86 7.06 -12.46
N MET A 214 10.19 7.08 -11.30
CA MET A 214 9.13 6.15 -10.98
C MET A 214 8.07 6.19 -12.07
N PHE A 215 7.68 7.41 -12.45
CA PHE A 215 6.66 7.64 -13.45
C PHE A 215 7.12 7.15 -14.83
N LYS A 216 8.39 7.39 -15.14
CA LYS A 216 8.96 6.97 -16.40
C LYS A 216 9.02 5.46 -16.46
N THR A 217 9.47 4.84 -15.37
CA THR A 217 9.52 3.38 -15.31
C THR A 217 8.15 2.69 -15.38
N LEU A 218 7.12 3.28 -14.80
CA LEU A 218 5.78 2.68 -14.82
C LEU A 218 4.95 3.13 -16.03
N ASN A 219 5.45 4.10 -16.81
CA ASN A 219 4.61 4.77 -17.82
C ASN A 219 3.34 5.24 -17.13
N ALA A 220 3.48 6.12 -16.15
CA ALA A 220 2.36 6.51 -15.36
C ALA A 220 2.29 8.03 -15.32
N SER A 221 1.09 8.59 -15.17
CA SER A 221 0.97 10.05 -15.07
C SER A 221 1.05 10.53 -13.62
N VAL A 222 1.42 11.80 -13.47
CA VAL A 222 1.54 12.47 -12.20
C VAL A 222 0.15 12.93 -11.74
N PRO A 223 -0.27 12.57 -10.52
CA PRO A 223 -1.60 13.00 -10.05
C PRO A 223 -1.55 14.43 -9.55
N SER A 224 -2.72 14.98 -9.22
CA SER A 224 -2.77 16.25 -8.54
C SER A 224 -2.80 15.95 -7.06
N TYR A 225 -2.21 16.85 -6.28
CA TYR A 225 -2.00 16.60 -4.87
C TYR A 225 -2.75 17.58 -4.04
N THR A 226 -3.53 17.05 -3.11
CA THR A 226 -4.25 17.89 -2.18
C THR A 226 -4.08 17.31 -0.76
N GLY A 227 -4.54 18.04 0.26
CA GLY A 227 -4.51 17.55 1.63
C GLY A 227 -3.17 17.80 2.27
N HIS A 228 -2.76 16.94 3.20
CA HIS A 228 -1.52 17.15 3.94
C HIS A 228 -0.29 16.96 3.07
N THR A 229 0.81 17.54 3.51
CA THR A 229 2.03 17.62 2.69
C THR A 229 3.01 16.43 2.90
N ALA A 230 2.61 15.47 3.74
CA ALA A 230 3.44 14.30 3.99
C ALA A 230 2.59 13.08 4.35
N THR A 231 3.07 11.89 4.01
CA THR A 231 2.33 10.68 4.31
C THR A 231 2.98 9.96 5.47
N TRP A 232 4.26 10.27 5.72
CA TRP A 232 4.97 9.73 6.88
C TRP A 232 5.66 10.93 7.60
N ASP A 233 5.21 11.22 8.81
CA ASP A 233 5.42 12.57 9.34
C ASP A 233 5.63 12.61 10.86
N ALA A 234 6.89 12.43 11.32
CA ALA A 234 7.23 12.48 12.77
C ALA A 234 6.85 13.75 13.52
N THR A 235 6.59 14.85 12.79
CA THR A 235 6.17 16.12 13.41
C THR A 235 4.66 16.27 13.69
N THR A 236 3.80 15.39 13.12
CA THR A 236 2.35 15.46 13.43
C THR A 236 1.80 14.10 13.89
N ASN A 237 2.58 13.04 13.73
CA ASN A 237 2.04 11.69 13.91
C ASN A 237 2.72 11.08 15.11
N SER A 238 1.92 10.56 16.04
CA SER A 238 2.41 10.11 17.33
C SER A 238 3.28 8.86 17.26
N ILE A 239 3.00 7.94 16.35
CA ILE A 239 3.83 6.73 16.25
C ILE A 239 5.16 7.06 15.57
N ALA A 240 5.13 7.84 14.49
CA ALA A 240 6.37 8.18 13.81
C ALA A 240 7.25 9.05 14.72
N LYS A 241 6.66 9.89 15.59
CA LYS A 241 7.45 10.67 16.51
C LYS A 241 8.11 9.78 17.57
N TYR A 242 7.41 8.76 18.01
CA TYR A 242 7.99 7.84 18.95
C TYR A 242 9.21 7.13 18.37
N ASN A 243 9.09 6.57 17.17
CA ASN A 243 10.16 5.81 16.54
C ASN A 243 11.30 6.67 15.99
N PHE A 244 10.97 7.78 15.35
CA PHE A 244 11.96 8.62 14.64
C PHE A 244 11.72 10.09 14.93
N PRO A 245 11.91 10.51 16.20
CA PRO A 245 11.54 11.89 16.53
C PRO A 245 12.16 12.99 15.65
N ASP A 246 13.39 12.81 15.16
CA ASP A 246 14.05 13.88 14.40
C ASP A 246 14.13 13.69 12.88
N SER A 247 13.50 12.64 12.35
CA SER A 247 13.42 12.44 10.90
C SER A 247 12.62 13.52 10.17
N PRO A 248 13.15 14.00 9.04
CA PRO A 248 12.27 14.91 8.27
C PRO A 248 11.05 14.15 7.72
N ALA A 249 9.94 14.85 7.45
CA ALA A 249 8.68 14.24 6.97
C ALA A 249 8.87 13.70 5.57
N GLU A 250 8.21 12.60 5.27
CA GLU A 250 8.37 11.97 3.93
C GLU A 250 7.04 11.81 3.21
N TYR A 251 7.10 11.87 1.88
CA TYR A 251 5.92 11.67 1.06
C TYR A 251 6.14 10.41 0.20
N LEU A 252 5.52 9.29 0.58
CA LEU A 252 5.87 7.96 0.08
C LEU A 252 4.73 7.12 -0.53
N ASP A 253 3.48 7.56 -0.39
CA ASP A 253 2.33 6.70 -0.68
C ASP A 253 1.58 7.31 -1.88
N TYR A 254 1.21 6.47 -2.84
CA TYR A 254 0.69 6.97 -4.09
C TYR A 254 -0.36 6.09 -4.69
N ILE A 255 -1.27 6.71 -5.43
CA ILE A 255 -2.23 6.01 -6.34
C ILE A 255 -2.18 6.70 -7.70
N ILE A 256 -1.66 5.98 -8.70
CA ILE A 256 -1.37 6.58 -9.99
C ILE A 256 -1.93 5.73 -11.16
N ALA A 257 -2.11 6.34 -12.31
CA ALA A 257 -2.75 5.68 -13.43
C ALA A 257 -1.75 5.42 -14.54
N SER A 258 -1.75 4.19 -15.04
CA SER A 258 -0.99 3.86 -16.29
C SER A 258 -1.41 4.77 -17.48
N LYS A 259 -0.40 5.39 -18.13
CA LYS A 259 -0.61 6.24 -19.31
C LYS A 259 -0.82 5.46 -20.62
N ASP A 260 -0.63 4.15 -20.60
CA ASP A 260 -0.85 3.29 -21.78
C ASP A 260 -2.27 2.71 -21.86
N HIS A 261 -3.13 3.10 -20.93
CA HIS A 261 -4.48 2.58 -20.85
C HIS A 261 -5.40 3.78 -20.64
N ALA A 262 -6.61 3.59 -20.11
CA ALA A 262 -7.58 4.66 -20.16
C ALA A 262 -7.10 5.87 -19.37
N ASN A 263 -7.23 7.05 -19.98
CA ASN A 263 -6.80 8.30 -19.42
C ASN A 263 -7.91 9.05 -18.67
N PRO A 264 -7.73 9.26 -17.35
CA PRO A 264 -8.80 9.92 -16.59
C PRO A 264 -8.90 11.41 -16.97
N SER A 265 -10.09 11.97 -16.85
CA SER A 265 -10.25 13.40 -17.05
C SER A 265 -9.49 14.14 -15.91
N TYR A 266 -9.60 13.62 -14.67
CA TYR A 266 -8.54 13.89 -13.67
C TYR A 266 -8.30 12.76 -12.68
N ILE A 267 -7.13 12.79 -12.04
CA ILE A 267 -6.88 11.95 -10.85
C ILE A 267 -6.18 12.73 -9.71
N GLU A 268 -6.85 12.74 -8.57
CA GLU A 268 -6.40 13.46 -7.41
C GLU A 268 -5.88 12.46 -6.31
N ASN A 269 -4.78 12.80 -5.66
CA ASN A 269 -4.35 12.10 -4.41
C ASN A 269 -4.48 13.08 -3.25
N LYS A 270 -5.39 12.81 -2.31
CA LYS A 270 -5.57 13.65 -1.13
C LYS A 270 -5.05 12.89 0.11
N VAL A 271 -4.07 13.46 0.79
CA VAL A 271 -3.55 12.88 2.01
C VAL A 271 -4.42 13.35 3.15
N LEU A 272 -5.00 12.40 3.86
CA LEU A 272 -5.84 12.70 5.02
C LEU A 272 -5.00 12.65 6.30
N GLN A 273 -5.45 13.32 7.36
CA GLN A 273 -4.86 13.13 8.67
C GLN A 273 -5.87 12.82 9.73
N PRO A 274 -6.45 11.62 9.69
CA PRO A 274 -7.42 11.35 10.71
C PRO A 274 -6.71 10.91 12.02
N LYS A 275 -7.33 11.17 13.16
CA LYS A 275 -6.74 10.85 14.45
C LYS A 275 -7.65 9.82 15.05
N SER A 276 -7.10 8.85 15.79
CA SER A 276 -7.94 7.82 16.33
C SER A 276 -8.34 8.18 17.77
N PRO A 277 -9.27 7.41 18.36
CA PRO A 277 -9.39 7.42 19.81
C PRO A 277 -8.01 7.10 20.46
N GLN A 278 -7.75 7.65 21.65
CA GLN A 278 -6.58 7.26 22.44
C GLN A 278 -6.51 5.75 22.62
N TRP A 279 -5.32 5.18 22.46
CA TRP A 279 -5.12 3.79 22.87
C TRP A 279 -3.78 3.84 23.60
N THR A 280 -3.49 2.90 24.49
CA THR A 280 -2.25 2.97 25.28
C THR A 280 -1.54 1.63 25.25
N VAL A 281 -0.22 1.66 25.37
CA VAL A 281 0.57 0.45 25.50
C VAL A 281 1.61 0.63 26.58
N THR A 282 2.02 -0.48 27.20
CA THR A 282 3.17 -0.48 28.09
C THR A 282 4.43 -1.05 27.38
N SER A 283 5.47 -0.23 27.29
CA SER A 283 6.71 -0.59 26.61
C SER A 283 7.95 -0.19 27.42
N TRP A 284 8.76 -1.20 27.78
CA TRP A 284 10.00 -1.03 28.57
C TRP A 284 9.74 -0.37 29.92
N PHE A 285 8.60 -0.78 30.50
CA PHE A 285 8.15 -0.44 31.87
C PHE A 285 7.37 0.85 31.96
N GLN A 286 7.47 1.69 30.92
CA GLN A 286 6.79 2.99 30.83
C GLN A 286 5.42 2.89 30.11
N LYS A 287 4.54 3.86 30.34
CA LYS A 287 3.20 3.90 29.72
C LYS A 287 3.10 4.91 28.57
N TYR A 288 2.55 4.51 27.43
CA TYR A 288 2.47 5.41 26.26
C TYR A 288 1.11 5.44 25.64
N THR A 289 0.68 6.64 25.27
CA THR A 289 -0.63 6.76 24.64
C THR A 289 -0.50 7.38 23.29
N TYR A 290 -1.27 6.84 22.35
CA TYR A 290 -1.26 7.30 20.96
C TYR A 290 -2.64 7.73 20.48
N ASN A 291 -2.67 8.66 19.54
CA ASN A 291 -3.92 8.99 18.87
C ASN A 291 -3.84 8.83 17.32
N ASP A 292 -3.05 7.85 16.85
CA ASP A 292 -2.91 7.59 15.41
C ASP A 292 -3.22 6.13 15.06
N TYR A 293 -3.81 5.88 13.89
CA TYR A 293 -4.14 4.53 13.42
C TYR A 293 -2.91 3.74 12.98
N SER A 294 -1.84 4.48 12.67
CA SER A 294 -0.67 3.95 12.00
C SER A 294 0.33 5.08 11.90
N ASP A 295 1.60 4.76 11.55
CA ASP A 295 2.63 5.80 11.32
C ASP A 295 2.56 6.51 9.98
N HIS A 296 1.88 5.88 9.00
CA HIS A 296 1.51 6.54 7.72
C HIS A 296 0.10 7.13 7.81
N TYR A 297 -0.12 8.19 7.07
CA TYR A 297 -1.43 8.71 6.78
C TYR A 297 -2.00 8.03 5.53
N PRO A 298 -3.36 7.92 5.45
CA PRO A 298 -3.97 7.37 4.23
C PRO A 298 -4.03 8.37 3.09
N VAL A 299 -3.97 7.84 1.86
CA VAL A 299 -4.14 8.60 0.64
C VAL A 299 -5.49 8.24 -0.03
N GLU A 300 -6.37 9.23 -0.17
CA GLU A 300 -7.64 8.98 -0.84
C GLU A 300 -7.48 9.46 -2.28
N ALA A 301 -7.62 8.56 -3.26
CA ALA A 301 -7.60 9.00 -4.67
C ALA A 301 -9.01 9.07 -5.27
N THR A 302 -9.30 10.13 -6.03
CA THR A 302 -10.53 10.27 -6.80
C THR A 302 -10.16 10.28 -8.26
N ILE A 303 -10.73 9.36 -9.01
CA ILE A 303 -10.44 9.20 -10.43
C ILE A 303 -11.74 9.59 -11.16
N SER A 304 -11.66 10.64 -11.98
CA SER A 304 -12.76 10.99 -12.88
C SER A 304 -12.67 10.26 -14.20
N MET A 305 -13.64 9.40 -14.42
CA MET A 305 -13.68 8.53 -15.60
C MET A 305 -14.67 9.08 -16.62
MG MG B . 6.54 0.77 8.20
#